data_9KXF
#
_entry.id   9KXF
#
_cell.length_a   69.050
_cell.length_b   69.050
_cell.length_c   78.630
_cell.angle_alpha   90.00
_cell.angle_beta   90.00
_cell.angle_gamma   120.00
#
_symmetry.space_group_name_H-M   'P 31 2 1'
#
loop_
_entity.id
_entity.type
_entity.pdbx_description
1 polymer 'Peptidyl-prolyl cis-trans isomerase NIMA-interacting 1'
2 non-polymer ~{N}-(2-fluorophenyl)ethanamide
3 non-polymer 3,6,9,12,15,18,21-HEPTAOXATRICOSANE-1,23-DIOL
4 non-polymer 'SULFATE ION'
5 water water
#
_entity_poly.entity_id   1
_entity_poly.type   'polypeptide(L)'
_entity_poly.pdbx_seq_one_letter_code
;MADEEKLPPGWEKAMSRSSGRVYYFNHITNASQWERPSGNSSSGGKNGQGEPARVRCSHLLVKHSQSRRPSSWRQEKITR
TKEEALELINGYIQKIKSGEEDFESLASQFSDCSSAKARGDLGAFSRGQMQKPFEDASFALRTGEMSGPVFTDSGIHIIL
RTE
;
_entity_poly.pdbx_strand_id   A
#
loop_
_chem_comp.id
_chem_comp.type
_chem_comp.name
_chem_comp.formula
A1EHG non-polymer ~{N}-(2-fluorophenyl)ethanamide 'C8 H8 F N O'
PE8 non-polymer 3,6,9,12,15,18,21-HEPTAOXATRICOSANE-1,23-DIOL 'C16 H34 O9'
SO4 non-polymer 'SULFATE ION' 'O4 S -2'
#
# COMPACT_ATOMS: atom_id res chain seq x y z
N LYS A 6 9.65 -24.27 -3.31
CA LYS A 6 8.74 -23.54 -4.19
C LYS A 6 8.31 -22.18 -3.60
N LEU A 7 7.43 -21.49 -4.36
CA LEU A 7 6.86 -20.16 -4.14
C LEU A 7 7.88 -19.13 -4.60
N PRO A 8 7.47 -18.11 -5.35
CA PRO A 8 8.35 -16.99 -5.62
C PRO A 8 8.89 -16.41 -4.33
N PRO A 9 10.06 -15.77 -4.36
CA PRO A 9 10.58 -15.12 -3.15
C PRO A 9 9.68 -13.99 -2.67
N GLY A 10 9.71 -13.77 -1.36
CA GLY A 10 8.79 -12.85 -0.70
C GLY A 10 7.48 -13.49 -0.26
N TRP A 11 7.10 -14.61 -0.86
CA TRP A 11 5.80 -15.23 -0.62
C TRP A 11 5.96 -16.42 0.32
N GLU A 12 4.94 -16.63 1.17
CA GLU A 12 4.89 -17.81 2.03
C GLU A 12 3.46 -18.32 2.04
N LYS A 13 3.32 -19.60 2.37
CA LYS A 13 2.02 -20.21 2.54
C LYS A 13 1.50 -19.90 3.94
N ALA A 14 0.20 -19.68 4.06
CA ALA A 14 -0.43 -19.45 5.35
C ALA A 14 -1.75 -20.17 5.37
N MET A 15 -2.40 -20.19 6.53
CA MET A 15 -3.70 -20.81 6.70
C MET A 15 -4.64 -19.80 7.33
N SER A 16 -5.83 -19.67 6.75
CA SER A 16 -6.86 -18.79 7.30
C SER A 16 -7.28 -19.28 8.68
N ARG A 17 -7.18 -18.40 9.69
CA ARG A 17 -7.69 -18.76 11.02
C ARG A 17 -9.18 -19.00 11.02
N SER A 18 -9.90 -18.41 10.09
CA SER A 18 -11.34 -18.53 10.16
C SER A 18 -11.90 -19.63 9.27
N SER A 19 -11.23 -19.98 8.18
CA SER A 19 -11.73 -21.00 7.27
C SER A 19 -10.84 -22.23 7.15
N GLY A 20 -9.58 -22.16 7.55
CA GLY A 20 -8.69 -23.28 7.38
C GLY A 20 -8.14 -23.45 5.98
N ARG A 21 -8.53 -22.59 5.04
CA ARG A 21 -8.03 -22.68 3.68
C ARG A 21 -6.68 -22.00 3.57
N VAL A 22 -5.80 -22.59 2.77
CA VAL A 22 -4.47 -22.04 2.57
C VAL A 22 -4.58 -20.75 1.78
N TYR A 23 -3.76 -19.78 2.14
CA TYR A 23 -3.62 -18.57 1.35
C TYR A 23 -2.14 -18.26 1.29
N TYR A 24 -1.80 -17.20 0.58
CA TYR A 24 -0.42 -16.82 0.39
C TYR A 24 -0.22 -15.40 0.88
N PHE A 25 0.90 -15.15 1.56
CA PHE A 25 1.19 -13.84 2.10
C PHE A 25 2.56 -13.42 1.61
N ASN A 26 2.67 -12.16 1.23
CA ASN A 26 3.94 -11.58 0.81
C ASN A 26 4.44 -10.64 1.89
N HIS A 27 5.61 -10.94 2.47
CA HIS A 27 6.07 -10.16 3.61
C HIS A 27 6.81 -8.90 3.19
N ILE A 28 6.97 -8.68 1.88
CA ILE A 28 7.52 -7.42 1.38
C ILE A 28 6.41 -6.45 1.02
N THR A 29 5.31 -6.92 0.46
CA THR A 29 4.24 -6.01 0.05
C THR A 29 3.10 -6.01 1.05
N ASN A 30 3.10 -6.97 2.01
CA ASN A 30 1.98 -7.23 2.90
C ASN A 30 0.71 -7.60 2.15
N ALA A 31 0.83 -8.00 0.89
CA ALA A 31 -0.33 -8.52 0.17
C ALA A 31 -0.67 -9.93 0.60
N SER A 32 -1.94 -10.28 0.50
CA SER A 32 -2.39 -11.64 0.74
C SER A 32 -3.42 -12.00 -0.31
N GLN A 33 -3.42 -13.26 -0.73
CA GLN A 33 -4.32 -13.68 -1.79
C GLN A 33 -4.55 -15.17 -1.64
N TRP A 34 -5.68 -15.64 -2.19
CA TRP A 34 -6.01 -17.07 -2.09
C TRP A 34 -5.23 -17.88 -3.11
N GLU A 35 -4.96 -17.31 -4.29
CA GLU A 35 -4.33 -18.05 -5.37
C GLU A 35 -2.83 -18.14 -5.17
N ARG A 36 -2.25 -19.26 -5.60
CA ARG A 36 -0.81 -19.40 -5.54
C ARG A 36 -0.16 -18.33 -6.43
N PRO A 37 0.80 -17.56 -5.92
CA PRO A 37 1.25 -16.37 -6.64
C PRO A 37 1.91 -16.68 -7.97
N SER A 38 1.78 -15.70 -8.89
CA SER A 38 2.32 -15.77 -10.24
C SER A 38 3.82 -15.50 -10.20
N GLY A 39 4.61 -16.52 -10.55
CA GLY A 39 6.05 -16.40 -10.63
C GLY A 39 6.72 -17.69 -10.23
N GLU A 51 13.63 -8.08 -11.93
CA GLU A 51 13.29 -6.74 -11.43
C GLU A 51 13.52 -5.67 -12.50
N PRO A 52 12.51 -4.83 -12.70
CA PRO A 52 12.63 -3.73 -13.67
C PRO A 52 13.50 -2.60 -13.14
N ALA A 53 14.00 -1.80 -14.08
CA ALA A 53 14.84 -0.65 -13.70
C ALA A 53 14.01 0.41 -13.01
N ARG A 54 12.78 0.62 -13.46
CA ARG A 54 11.89 1.60 -12.85
C ARG A 54 10.50 0.98 -12.76
N VAL A 55 9.71 1.46 -11.78
CA VAL A 55 8.30 1.14 -11.71
C VAL A 55 7.52 2.43 -11.55
N ARG A 56 6.24 2.36 -11.87
CA ARG A 56 5.32 3.47 -11.66
C ARG A 56 4.27 3.03 -10.67
N CYS A 57 4.04 3.84 -9.64
CA CYS A 57 3.07 3.48 -8.60
C CYS A 57 2.20 4.66 -8.26
N SER A 58 0.99 4.35 -7.84
CA SER A 58 0.17 5.28 -7.10
C SER A 58 0.15 4.82 -5.64
N HIS A 59 -0.24 5.73 -4.74
CA HIS A 59 -0.40 5.31 -3.36
C HIS A 59 -1.48 6.14 -2.70
N LEU A 60 -1.99 5.58 -1.61
CA LEU A 60 -2.91 6.23 -0.70
C LEU A 60 -2.22 6.22 0.65
N LEU A 61 -1.93 7.41 1.17
CA LEU A 61 -1.24 7.56 2.43
C LEU A 61 -2.21 7.98 3.52
N VAL A 62 -2.18 7.27 4.64
CA VAL A 62 -2.85 7.72 5.85
C VAL A 62 -1.79 8.05 6.87
N LYS A 63 -1.72 9.31 7.25
CA LYS A 63 -0.72 9.73 8.20
C LYS A 63 -1.23 9.51 9.62
N HIS A 64 -0.33 9.66 10.59
CA HIS A 64 -0.70 9.55 11.98
C HIS A 64 0.17 10.51 12.77
N SER A 65 -0.08 10.59 14.07
CA SER A 65 0.53 11.64 14.89
C SER A 65 2.04 11.50 14.96
N GLN A 66 2.59 10.34 14.62
CA GLN A 66 4.04 10.17 14.59
C GLN A 66 4.63 10.25 13.19
N SER A 67 3.81 10.61 12.19
CA SER A 67 4.34 10.83 10.85
C SER A 67 5.44 11.88 10.88
N ARG A 68 6.42 11.72 10.00
CA ARG A 68 7.52 12.68 9.92
C ARG A 68 6.99 14.11 9.87
N ARG A 69 5.97 14.37 9.06
CA ARG A 69 5.25 15.64 9.07
C ARG A 69 3.78 15.35 9.33
N PRO A 70 3.31 15.51 10.57
CA PRO A 70 1.92 15.18 10.93
C PRO A 70 0.92 16.25 10.48
N SER A 71 0.91 16.49 9.18
CA SER A 71 0.11 17.53 8.54
C SER A 71 -0.11 17.10 7.10
N SER A 72 -1.19 17.58 6.51
CA SER A 72 -1.49 17.28 5.11
C SER A 72 -2.52 18.27 4.61
N TRP A 73 -2.81 18.17 3.31
CA TRP A 73 -3.81 19.04 2.72
C TRP A 73 -5.18 18.78 3.32
N ARG A 74 -5.39 17.60 3.92
CA ARG A 74 -6.67 17.25 4.53
C ARG A 74 -6.82 17.83 5.93
N GLN A 75 -5.72 18.03 6.64
CA GLN A 75 -5.75 18.33 8.07
C GLN A 75 -4.46 19.03 8.44
N GLU A 76 -4.57 20.22 9.05
CA GLU A 76 -3.38 20.96 9.44
C GLU A 76 -2.61 20.24 10.54
N LYS A 77 -3.31 19.65 11.51
CA LYS A 77 -2.70 18.86 12.57
C LYS A 77 -3.29 17.45 12.53
N ILE A 78 -2.50 16.49 12.08
CA ILE A 78 -2.94 15.10 12.09
C ILE A 78 -2.70 14.51 13.47
N THR A 79 -3.78 14.07 14.13
CA THR A 79 -3.73 13.63 15.50
C THR A 79 -4.02 12.15 15.69
N ARG A 80 -4.52 11.48 14.65
CA ARG A 80 -4.87 10.07 14.80
C ARG A 80 -3.65 9.23 15.14
N THR A 81 -3.90 8.12 15.84
CA THR A 81 -2.86 7.19 16.25
C THR A 81 -2.47 6.26 15.10
N LYS A 82 -1.32 5.63 15.25
CA LYS A 82 -0.91 4.62 14.28
C LYS A 82 -1.97 3.54 14.15
N GLU A 83 -2.62 3.17 15.26
CA GLU A 83 -3.65 2.14 15.18
C GLU A 83 -4.88 2.64 14.42
N GLU A 84 -5.27 3.89 14.65
CA GLU A 84 -6.41 4.43 13.92
C GLU A 84 -6.10 4.51 12.43
N ALA A 85 -4.86 4.89 12.09
CA ALA A 85 -4.47 4.97 10.69
C ALA A 85 -4.51 3.60 10.03
N LEU A 86 -4.04 2.56 10.74
CA LEU A 86 -4.10 1.22 10.16
C LEU A 86 -5.54 0.76 9.98
N GLU A 87 -6.43 1.10 10.91
CA GLU A 87 -7.84 0.76 10.70
C GLU A 87 -8.37 1.40 9.43
N LEU A 88 -8.05 2.68 9.21
CA LEU A 88 -8.54 3.36 8.03
C LEU A 88 -7.98 2.72 6.77
N ILE A 89 -6.68 2.45 6.76
CA ILE A 89 -6.06 1.74 5.63
C ILE A 89 -6.76 0.42 5.39
N ASN A 90 -6.97 -0.35 6.45
CA ASN A 90 -7.61 -1.65 6.27
C ASN A 90 -8.99 -1.51 5.65
N GLY A 91 -9.76 -0.51 6.09
CA GLY A 91 -11.07 -0.29 5.50
C GLY A 91 -11.00 0.05 4.03
N TYR A 92 -10.08 0.95 3.66
CA TYR A 92 -9.92 1.28 2.25
C TYR A 92 -9.55 0.05 1.43
N ILE A 93 -8.64 -0.77 1.95
CA ILE A 93 -8.29 -1.99 1.22
C ILE A 93 -9.50 -2.88 1.02
N GLN A 94 -10.32 -3.05 2.06
CA GLN A 94 -11.53 -3.85 1.89
C GLN A 94 -12.42 -3.31 0.80
N LYS A 95 -12.67 -1.99 0.80
CA LYS A 95 -13.58 -1.44 -0.20
C LYS A 95 -12.98 -1.55 -1.60
N ILE A 96 -11.66 -1.42 -1.72
CA ILE A 96 -11.03 -1.55 -3.03
C ILE A 96 -11.13 -2.98 -3.52
N LYS A 97 -10.89 -3.94 -2.64
CA LYS A 97 -10.91 -5.34 -3.04
C LYS A 97 -12.31 -5.82 -3.36
N SER A 98 -13.32 -5.24 -2.70
CA SER A 98 -14.70 -5.62 -2.97
C SER A 98 -15.22 -4.99 -4.24
N GLY A 99 -14.55 -3.95 -4.73
CA GLY A 99 -15.02 -3.20 -5.87
C GLY A 99 -16.03 -2.14 -5.51
N GLU A 100 -16.40 -2.04 -4.23
CA GLU A 100 -17.29 -0.97 -3.80
C GLU A 100 -16.71 0.38 -4.18
N GLU A 101 -15.40 0.50 -4.09
CA GLU A 101 -14.74 1.77 -4.38
C GLU A 101 -13.50 1.49 -5.22
N ASP A 102 -13.08 2.47 -6.01
CA ASP A 102 -11.83 2.40 -6.76
C ASP A 102 -10.69 2.98 -5.95
N PHE A 103 -9.51 2.39 -6.14
CA PHE A 103 -8.29 2.94 -5.53
C PHE A 103 -8.17 4.43 -5.82
N GLU A 104 -8.31 4.80 -7.10
CA GLU A 104 -8.12 6.19 -7.47
C GLU A 104 -9.10 7.10 -6.75
N SER A 105 -10.32 6.63 -6.56
CA SER A 105 -11.34 7.43 -5.88
C SER A 105 -10.98 7.63 -4.43
N LEU A 106 -10.57 6.56 -3.76
CA LEU A 106 -10.21 6.70 -2.35
C LEU A 106 -8.94 7.53 -2.17
N ALA A 107 -7.97 7.39 -3.07
CA ALA A 107 -6.77 8.20 -2.91
C ALA A 107 -7.09 9.67 -3.08
N SER A 108 -7.89 10.01 -4.11
CA SER A 108 -8.26 11.42 -4.32
C SER A 108 -8.90 12.00 -3.08
N GLN A 109 -9.77 11.24 -2.43
CA GLN A 109 -10.53 11.78 -1.32
C GLN A 109 -9.77 11.75 -0.01
N PHE A 110 -8.95 10.73 0.24
CA PHE A 110 -8.51 10.47 1.59
C PHE A 110 -7.03 10.31 1.77
N SER A 111 -6.24 10.35 0.71
CA SER A 111 -4.80 10.24 0.88
C SER A 111 -4.28 11.52 1.50
N ASP A 112 -3.48 11.38 2.56
CA ASP A 112 -2.81 12.50 3.20
C ASP A 112 -1.56 12.95 2.45
N CYS A 113 -1.40 12.56 1.20
CA CYS A 113 -0.29 12.98 0.37
C CYS A 113 -0.76 13.96 -0.68
N SER A 114 0.12 14.91 -1.05
CA SER A 114 -0.21 15.86 -2.11
C SER A 114 -0.50 15.17 -3.43
N SER A 115 -0.04 13.93 -3.59
CA SER A 115 -0.36 13.20 -4.81
C SER A 115 -1.83 12.83 -4.90
N ALA A 116 -2.60 13.07 -3.84
CA ALA A 116 -4.03 12.81 -3.89
C ALA A 116 -4.66 13.52 -5.07
N LYS A 117 -4.18 14.72 -5.37
CA LYS A 117 -4.73 15.51 -6.48
C LYS A 117 -4.53 14.83 -7.83
N ALA A 118 -3.59 13.89 -7.90
CA ALA A 118 -3.34 13.10 -9.10
C ALA A 118 -3.80 11.66 -8.95
N ARG A 119 -4.87 11.42 -8.20
CA ARG A 119 -5.39 10.08 -7.95
C ARG A 119 -4.31 9.18 -7.38
N GLY A 120 -3.35 9.77 -6.66
CA GLY A 120 -2.32 9.02 -5.96
C GLY A 120 -1.08 8.75 -6.77
N ASP A 121 -1.09 9.10 -8.06
CA ASP A 121 0.03 8.79 -8.95
C ASP A 121 1.30 9.52 -8.53
N LEU A 122 2.38 8.74 -8.35
CA LEU A 122 3.70 9.28 -8.05
C LEU A 122 4.59 9.32 -9.27
N GLY A 123 4.09 8.88 -10.42
CA GLY A 123 4.95 8.76 -11.58
C GLY A 123 5.93 7.62 -11.39
N ALA A 124 6.90 7.56 -12.30
CA ALA A 124 7.85 6.46 -12.29
C ALA A 124 9.08 6.82 -11.46
N PHE A 125 9.75 5.79 -10.94
CA PHE A 125 10.90 6.01 -10.09
C PHE A 125 11.82 4.79 -10.09
N SER A 126 13.05 5.02 -9.65
CA SER A 126 14.09 4.01 -9.52
C SER A 126 14.30 3.64 -8.06
N ARG A 127 15.08 2.59 -7.86
CA ARG A 127 15.59 2.30 -6.52
C ARG A 127 16.50 3.42 -6.06
N GLY A 128 16.39 3.79 -4.79
CA GLY A 128 17.19 4.84 -4.21
C GLY A 128 16.44 6.13 -3.94
N GLN A 129 15.26 6.30 -4.52
CA GLN A 129 14.53 7.56 -4.44
C GLN A 129 13.49 7.59 -3.33
N MET A 130 12.77 6.51 -3.12
CA MET A 130 11.68 6.47 -2.15
CA MET A 130 11.68 6.47 -2.15
C MET A 130 12.16 5.87 -0.83
N GLN A 131 11.36 6.08 0.20
CA GLN A 131 11.63 5.44 1.48
C GLN A 131 11.68 3.93 1.29
N LYS A 132 12.60 3.29 1.98
CA LYS A 132 12.92 1.90 1.66
C LYS A 132 11.74 0.92 1.73
N PRO A 133 10.88 0.92 2.75
CA PRO A 133 9.77 -0.05 2.74
C PRO A 133 8.84 0.16 1.55
N PHE A 134 8.65 1.41 1.15
CA PHE A 134 7.84 1.73 -0.01
C PHE A 134 8.51 1.23 -1.29
N GLU A 135 9.80 1.53 -1.46
CA GLU A 135 10.54 1.03 -2.62
C GLU A 135 10.46 -0.49 -2.72
N ASP A 136 10.76 -1.19 -1.62
CA ASP A 136 10.77 -2.66 -1.68
C ASP A 136 9.39 -3.19 -2.06
N ALA A 137 8.34 -2.59 -1.53
CA ALA A 137 7.01 -3.11 -1.84
C ALA A 137 6.68 -2.79 -3.29
N SER A 138 7.03 -1.59 -3.74
CA SER A 138 6.74 -1.19 -5.11
C SER A 138 7.41 -2.13 -6.11
N PHE A 139 8.68 -2.46 -5.88
CA PHE A 139 9.39 -3.30 -6.82
C PHE A 139 9.03 -4.77 -6.71
N ALA A 140 8.45 -5.20 -5.58
CA ALA A 140 8.02 -6.57 -5.42
C ALA A 140 6.61 -6.81 -5.93
N LEU A 141 5.84 -5.75 -6.16
CA LEU A 141 4.48 -5.88 -6.66
C LEU A 141 4.52 -6.26 -8.14
N ARG A 142 3.55 -7.04 -8.59
CA ARG A 142 3.51 -7.22 -10.02
C ARG A 142 2.71 -6.08 -10.64
N THR A 143 2.83 -5.92 -11.96
CA THR A 143 2.09 -4.84 -12.61
C THR A 143 0.60 -5.03 -12.39
N GLY A 144 -0.06 -3.97 -11.95
CA GLY A 144 -1.46 -4.04 -11.61
C GLY A 144 -1.77 -4.51 -10.21
N GLU A 145 -0.78 -4.94 -9.44
CA GLU A 145 -1.01 -5.50 -8.11
C GLU A 145 -1.02 -4.39 -7.06
N MET A 146 -1.77 -4.64 -5.99
CA MET A 146 -1.89 -3.70 -4.88
C MET A 146 -1.26 -4.28 -3.62
N SER A 147 -0.60 -3.43 -2.86
CA SER A 147 0.07 -3.85 -1.65
C SER A 147 -0.94 -4.02 -0.52
N GLY A 148 -0.47 -4.61 0.58
CA GLY A 148 -1.20 -4.48 1.83
C GLY A 148 -0.73 -3.19 2.46
N PRO A 149 -1.00 -3.02 3.75
CA PRO A 149 -0.44 -1.87 4.48
C PRO A 149 1.08 -1.89 4.47
N VAL A 150 1.69 -0.79 4.03
CA VAL A 150 3.14 -0.65 4.01
C VAL A 150 3.53 0.55 4.86
N PHE A 151 4.44 0.34 5.81
CA PHE A 151 4.75 1.33 6.83
C PHE A 151 6.02 2.09 6.48
N THR A 152 5.98 3.43 6.54
CA THR A 152 7.18 4.25 6.38
C THR A 152 7.18 5.38 7.41
N ASP A 153 8.24 6.19 7.42
CA ASP A 153 8.18 7.35 8.31
C ASP A 153 7.10 8.35 7.93
N SER A 154 6.52 8.27 6.73
CA SER A 154 5.41 9.17 6.43
C SER A 154 4.10 8.72 7.05
N GLY A 155 3.94 7.43 7.28
CA GLY A 155 2.64 6.90 7.68
C GLY A 155 2.44 5.49 7.15
N ILE A 156 1.21 5.19 6.77
CA ILE A 156 0.82 3.88 6.26
C ILE A 156 0.29 4.06 4.84
N HIS A 157 0.81 3.26 3.91
CA HIS A 157 0.51 3.33 2.49
C HIS A 157 -0.27 2.13 2.00
N ILE A 158 -1.16 2.38 1.04
CA ILE A 158 -1.60 1.36 0.10
C ILE A 158 -0.93 1.71 -1.22
N ILE A 159 -0.21 0.75 -1.80
CA ILE A 159 0.57 1.00 -3.01
C ILE A 159 -0.04 0.22 -4.18
N LEU A 160 -0.24 0.91 -5.30
CA LEU A 160 -0.74 0.27 -6.52
C LEU A 160 0.33 0.42 -7.59
N ARG A 161 0.92 -0.68 -8.01
CA ARG A 161 1.90 -0.62 -9.09
C ARG A 161 1.19 -0.55 -10.43
N THR A 162 1.37 0.56 -11.15
CA THR A 162 0.68 0.75 -12.41
C THR A 162 1.56 0.43 -13.62
N GLU A 163 2.88 0.47 -13.50
CA GLU A 163 3.76 0.12 -14.61
C GLU A 163 5.01 -0.54 -14.07
N1 A1EHG B . 1.78 13.57 -9.04
C4 A1EHG B . 1.08 15.66 -7.89
C5 A1EHG B . 1.17 16.49 -6.79
C6 A1EHG B . 2.00 16.17 -5.73
C7 A1EHG B . 2.74 15.00 -5.75
C8 A1EHG B . 2.63 14.18 -6.85
C1 A1EHG B . 2.45 15.13 -10.78
C2 A1EHG B . 2.05 13.75 -10.36
C3 A1EHG B . 1.82 14.48 -7.95
F1 A1EHG B . 3.36 13.03 -6.89
O1 A1EHG B . 2.00 12.82 -11.18
O1 PE8 C . -3.69 -7.74 -0.48
C2 PE8 C . -3.67 -6.59 0.36
C3 PE8 C . -4.16 -6.89 1.74
O4 PE8 C . -5.54 -7.23 1.68
C5 PE8 C . -6.09 -7.55 2.96
C6 PE8 C . -7.55 -7.81 2.80
O7 PE8 C . -7.76 -8.84 1.84
C8 PE8 C . -9.10 -9.33 1.85
C9 PE8 C . -9.24 -10.42 0.84
O10 PE8 C . -8.28 -11.43 1.12
C11 PE8 C . -8.41 -12.54 0.24
C12 PE8 C . -7.36 -13.54 0.61
O13 PE8 C . -7.48 -13.80 1.99
C14 PE8 C . -6.60 -14.82 2.43
C15 PE8 C . -6.85 -15.07 3.87
O16 PE8 C . -6.43 -13.95 4.63
C17 PE8 C . -7.03 -13.91 5.92
C18 PE8 C . -6.15 -13.18 6.88
O19 PE8 C . -5.09 -12.55 6.17
C20 PE8 C . -4.25 -11.76 7.00
C21 PE8 C . -4.99 -10.52 7.44
O22 PE8 C . -5.56 -9.87 6.30
C23 PE8 C . -6.03 -8.56 6.58
C24 PE8 C . -6.88 -8.55 7.81
O25 PE8 C . -7.42 -7.27 8.09
S SO4 D . 5.53 -7.77 -13.95
O1 SO4 D . 6.16 -8.95 -14.58
O2 SO4 D . 6.30 -7.41 -12.76
O3 SO4 D . 5.54 -6.65 -14.90
O4 SO4 D . 4.14 -8.05 -13.62
S SO4 E . 6.05 13.28 5.13
O1 SO4 E . 6.26 12.13 4.25
O2 SO4 E . 5.57 12.86 6.44
O3 SO4 E . 7.33 13.97 5.28
O4 SO4 E . 5.04 14.15 4.50
#